data_4JLK
#
_entry.id   4JLK
#
_cell.length_a   68.600
_cell.length_b   68.600
_cell.length_c   120.706
_cell.angle_alpha   90.00
_cell.angle_beta   90.00
_cell.angle_gamma   90.00
#
_symmetry.space_group_name_H-M   'P 41'
#
loop_
_entity.id
_entity.type
_entity.pdbx_description
1 polymer 'Deoxycytidine kinase'
2 non-polymer "URIDINE-5'-DIPHOSPHATE"
3 non-polymer 2-[({2-[3-(2-fluoroethoxy)-4-methoxyphenyl]-5-methyl-1,3-thiazol-4-yl}methyl)sulfanyl]pyrimidine-4,6-diamine
4 water water
#
_entity_poly.entity_id   1
_entity_poly.type   'polypeptide(L)'
_entity_poly.pdbx_seq_one_letter_code
;MGSSHHHHHHSSGLVPRGSHMATPPKRSSPSFSASSEGTRIKKISIEGNIAAGKSTFVNILKQLSEDWEVVPEPVARWSN
VQSTQDEFEELTMEQKNGGNVLQMMYEKPERWSFTFQTYACLSRIRAQLASLNGKLKDAEKPVLFFERSVYSDRYIFASN
LYESESMNETEWTIYQDWHDWMNNQFGQSLELDGIIYLQATPETCLHRIYLRGRNEEQGIPLEYLEKLHYKHESWLLHRT
LKTNFDYLQEVPILTLDVNEDFKDKYESLVEKVKEFLSTL
;
_entity_poly.pdbx_strand_id   A,B
#
loop_
_chem_comp.id
_chem_comp.type
_chem_comp.name
_chem_comp.formula
1NO non-polymer 2-[({2-[3-(2-fluoroethoxy)-4-methoxyphenyl]-5-methyl-1,3-thiazol-4-yl}methyl)sulfanyl]pyrimidine-4,6-diamine 'C18 H20 F N5 O2 S2'
UDP RNA linking URIDINE-5'-DIPHOSPHATE 'C9 H14 N2 O12 P2'
#
# COMPACT_ATOMS: atom_id res chain seq x y z
N ARG A 40 -15.27 21.12 4.30
CA ARG A 40 -15.07 22.60 4.29
C ARG A 40 -13.73 22.95 4.92
N ILE A 41 -13.07 21.96 5.49
CA ILE A 41 -11.78 22.17 6.15
C ILE A 41 -10.73 22.48 5.10
N LYS A 42 -10.03 23.60 5.28
CA LYS A 42 -8.93 23.95 4.40
C LYS A 42 -7.70 23.11 4.77
N LYS A 43 -7.00 22.67 3.74
CA LYS A 43 -5.79 21.86 3.91
C LYS A 43 -4.53 22.64 3.50
N ILE A 44 -3.61 22.74 4.45
CA ILE A 44 -2.39 23.52 4.32
C ILE A 44 -1.23 22.62 4.74
N SER A 45 -0.28 22.38 3.85
CA SER A 45 0.94 21.63 4.23
C SER A 45 2.06 22.56 4.64
N ILE A 46 2.68 22.26 5.78
CA ILE A 46 3.91 22.91 6.30
C ILE A 46 5.14 22.11 5.86
N GLU A 47 5.85 22.66 4.88
CA GLU A 47 7.02 21.98 4.23
C GLU A 47 8.34 22.65 4.59
N GLY A 48 9.38 21.85 4.69
CA GLY A 48 10.71 22.33 5.10
C GLY A 48 11.70 21.21 5.37
N ASN A 49 12.98 21.52 5.17
CA ASN A 49 14.08 20.58 5.40
C ASN A 49 14.11 20.03 6.83
N ILE A 50 14.95 19.03 7.02
CA ILE A 50 15.22 18.55 8.35
C ILE A 50 15.72 19.73 9.19
N ALA A 51 15.01 20.03 10.28
CA ALA A 51 15.48 21.00 11.30
C ALA A 51 15.14 22.44 10.98
N ALA A 52 14.38 22.64 9.90
CA ALA A 52 14.02 23.99 9.45
C ALA A 52 13.10 24.69 10.45
N GLY A 53 12.36 23.90 11.22
CA GLY A 53 11.52 24.42 12.30
C GLY A 53 10.03 24.12 12.19
N LYS A 54 9.69 23.02 11.50
CA LYS A 54 8.30 22.63 11.22
C LYS A 54 7.48 22.29 12.46
N SER A 55 7.98 21.36 13.28
CA SER A 55 7.28 20.96 14.47
C SER A 55 7.08 22.20 15.34
N THR A 56 8.15 23.01 15.45
CA THR A 56 8.13 24.24 16.25
C THR A 56 7.01 25.18 15.75
N PHE A 57 7.00 25.43 14.45
CA PHE A 57 6.02 26.32 13.83
C PHE A 57 4.60 25.80 13.98
N VAL A 58 4.43 24.50 13.74
CA VAL A 58 3.13 23.83 13.85
C VAL A 58 2.62 23.87 15.29
N ASN A 59 3.51 23.66 16.27
CA ASN A 59 3.14 23.66 17.69
C ASN A 59 2.73 25.05 18.22
N ILE A 60 3.33 26.07 17.64
CA ILE A 60 2.91 27.45 17.89
C ILE A 60 1.51 27.71 17.32
N LEU A 61 1.31 27.33 16.05
CA LEU A 61 0.04 27.52 15.34
C LEU A 61 -1.16 26.87 16.02
N LYS A 62 -1.03 25.59 16.40
CA LYS A 62 -2.13 24.90 17.12
C LYS A 62 -2.70 25.73 18.28
N GLN A 63 -1.83 26.39 19.05
CA GLN A 63 -2.18 27.06 20.30
C GLN A 63 -2.80 28.46 20.14
N LEU A 64 -2.86 28.94 18.89
CA LEU A 64 -3.32 30.30 18.54
C LEU A 64 -4.80 30.38 18.16
N SER A 65 -5.49 29.25 18.18
CA SER A 65 -6.89 29.25 17.81
C SER A 65 -7.50 27.89 18.02
N GLU A 66 -8.76 27.86 18.42
CA GLU A 66 -9.49 26.61 18.58
CA GLU A 66 -9.53 26.61 18.56
C GLU A 66 -9.93 26.07 17.20
N ASP A 67 -9.86 26.92 16.18
CA ASP A 67 -10.19 26.53 14.81
C ASP A 67 -8.97 26.03 14.01
N TRP A 68 -7.83 25.99 14.66
CA TRP A 68 -6.57 25.57 14.04
C TRP A 68 -6.05 24.29 14.69
N GLU A 69 -5.91 23.25 13.87
CA GLU A 69 -5.43 21.97 14.34
C GLU A 69 -4.28 21.46 13.45
N VAL A 70 -3.61 20.42 13.92
CA VAL A 70 -2.27 20.09 13.55
C VAL A 70 -2.12 18.56 13.42
N VAL A 71 -1.63 18.06 12.26
CA VAL A 71 -1.36 16.63 12.06
C VAL A 71 0.15 16.42 11.95
N PRO A 72 0.78 15.93 13.03
CA PRO A 72 2.19 15.62 13.05
C PRO A 72 2.57 14.58 11.97
N GLU A 73 3.80 14.74 11.49
CA GLU A 73 4.48 13.77 10.65
C GLU A 73 4.66 12.48 11.44
N PRO A 74 4.21 11.33 10.89
CA PRO A 74 4.47 10.13 11.70
C PRO A 74 5.96 9.81 11.89
N VAL A 75 6.79 10.12 10.90
CA VAL A 75 8.24 9.92 11.11
C VAL A 75 8.72 10.72 12.36
N ALA A 76 8.10 11.88 12.64
CA ALA A 76 8.41 12.63 13.88
C ALA A 76 8.06 11.81 15.13
N ARG A 77 6.85 11.26 15.19
CA ARG A 77 6.43 10.36 16.28
C ARG A 77 7.31 9.12 16.37
N TRP A 78 7.79 8.61 15.22
CA TRP A 78 8.75 7.51 15.24
C TRP A 78 10.11 7.95 15.81
N SER A 79 10.54 9.16 15.48
CA SER A 79 11.88 9.67 15.82
C SER A 79 12.04 10.03 17.30
N ASN A 80 11.21 9.40 18.15
CA ASN A 80 11.08 9.70 19.58
C ASN A 80 12.00 8.87 20.50
N LEU A 91 2.99 0.44 23.86
CA LEU A 91 3.36 0.78 22.49
C LEU A 91 2.28 0.41 21.47
N THR A 92 1.90 1.38 20.64
CA THR A 92 1.00 1.10 19.50
C THR A 92 1.75 0.14 18.56
N MET A 93 1.02 -0.50 17.65
CA MET A 93 1.69 -1.37 16.69
C MET A 93 2.51 -0.50 15.72
N GLU A 94 1.92 0.62 15.28
CA GLU A 94 2.60 1.52 14.37
C GLU A 94 3.89 2.07 14.97
N GLN A 95 3.90 2.29 16.29
CA GLN A 95 5.03 2.96 16.91
C GLN A 95 6.23 2.02 17.03
N LYS A 96 5.94 0.75 17.26
CA LYS A 96 6.94 -0.30 17.27
C LYS A 96 7.45 -0.53 15.83
N ASN A 97 6.49 -0.68 14.90
CA ASN A 97 6.83 -0.83 13.49
C ASN A 97 7.68 0.31 12.98
N GLY A 98 7.24 1.53 13.29
CA GLY A 98 7.92 2.76 12.90
C GLY A 98 9.34 2.84 13.41
N GLY A 99 9.51 2.59 14.72
CA GLY A 99 10.86 2.59 15.33
C GLY A 99 11.84 1.60 14.72
N ASN A 100 11.34 0.39 14.51
CA ASN A 100 12.20 -0.67 13.99
C ASN A 100 12.62 -0.31 12.59
N VAL A 101 11.67 0.08 11.72
CA VAL A 101 11.97 0.41 10.31
C VAL A 101 12.90 1.63 10.17
N LEU A 102 12.69 2.62 11.04
CA LEU A 102 13.59 3.77 11.16
C LEU A 102 15.09 3.42 11.39
N GLN A 103 15.33 2.59 12.39
CA GLN A 103 16.66 2.12 12.70
C GLN A 103 17.18 1.19 11.58
N MET A 104 16.31 0.33 11.03
CA MET A 104 16.67 -0.59 9.96
CA MET A 104 16.78 -0.56 9.99
C MET A 104 17.21 0.26 8.80
N MET A 105 16.46 1.32 8.50
CA MET A 105 16.82 2.25 7.43
C MET A 105 18.09 3.06 7.68
N TYR A 106 18.27 3.50 8.91
CA TYR A 106 19.54 4.10 9.27
C TYR A 106 20.71 3.12 8.98
N GLU A 107 20.55 1.88 9.41
CA GLU A 107 21.57 0.85 9.33
C GLU A 107 21.82 0.40 7.93
N LYS A 108 20.78 0.26 7.09
CA LYS A 108 21.03 -0.16 5.71
C LYS A 108 19.97 0.46 4.81
N PRO A 109 20.16 1.73 4.38
CA PRO A 109 19.07 2.39 3.64
C PRO A 109 18.75 1.67 2.36
N GLU A 110 19.73 0.97 1.82
CA GLU A 110 19.54 0.39 0.52
C GLU A 110 18.73 -0.91 0.58
N ARG A 111 18.56 -1.48 1.79
CA ARG A 111 17.69 -2.66 2.03
C ARG A 111 16.24 -2.22 2.33
N TRP A 112 16.10 -1.13 3.09
CA TRP A 112 14.86 -0.80 3.80
C TRP A 112 14.14 0.47 3.36
N SER A 113 14.70 1.20 2.39
CA SER A 113 14.10 2.46 1.90
C SER A 113 12.67 2.28 1.37
N PHE A 114 12.47 1.31 0.48
CA PHE A 114 11.13 1.03 -0.05
C PHE A 114 10.09 0.75 1.07
N THR A 115 10.44 -0.09 2.07
CA THR A 115 9.58 -0.50 3.17
C THR A 115 9.31 0.74 4.01
N PHE A 116 10.39 1.48 4.32
CA PHE A 116 10.25 2.69 5.11
C PHE A 116 9.26 3.64 4.42
N GLN A 117 9.57 4.01 3.17
CA GLN A 117 8.76 4.94 2.45
C GLN A 117 7.28 4.54 2.35
N THR A 118 6.99 3.26 2.06
CA THR A 118 5.58 2.84 1.92
CA THR A 118 5.60 2.79 1.92
C THR A 118 4.86 2.98 3.26
N TYR A 119 5.47 2.49 4.34
CA TYR A 119 4.89 2.65 5.67
C TYR A 119 4.87 4.09 6.16
N ALA A 120 5.83 4.92 5.76
CA ALA A 120 5.77 6.33 6.14
C ALA A 120 4.56 6.94 5.52
N CYS A 121 4.36 6.65 4.24
CA CYS A 121 3.25 7.31 3.53
C CYS A 121 1.88 6.84 4.02
N LEU A 122 1.69 5.50 4.15
CA LEU A 122 0.42 5.01 4.70
C LEU A 122 0.09 5.62 6.06
N SER A 123 1.05 5.54 6.98
CA SER A 123 0.92 6.08 8.33
C SER A 123 0.50 7.57 8.23
N ARG A 124 1.03 8.27 7.25
CA ARG A 124 0.65 9.70 7.07
C ARG A 124 -0.76 9.90 6.50
N ILE A 125 -1.14 9.11 5.48
CA ILE A 125 -2.48 9.19 4.85
C ILE A 125 -3.57 8.88 5.91
N ARG A 126 -3.40 7.81 6.66
CA ARG A 126 -4.38 7.48 7.68
C ARG A 126 -4.41 8.48 8.87
N ALA A 127 -3.26 9.06 9.23
CA ALA A 127 -3.28 10.11 10.28
C ALA A 127 -3.99 11.40 9.78
N GLN A 128 -3.80 11.75 8.50
CA GLN A 128 -4.47 12.95 7.94
C GLN A 128 -5.96 12.74 7.79
N LEU A 129 -6.33 11.61 7.20
CA LEU A 129 -7.73 11.20 7.01
C LEU A 129 -8.50 11.11 8.31
N ALA A 130 -7.85 10.60 9.37
CA ALA A 130 -8.43 10.59 10.72
C ALA A 130 -8.76 11.99 11.21
N SER A 131 -7.76 12.87 11.22
CA SER A 131 -7.92 14.21 11.73
C SER A 131 -8.95 15.01 10.95
N LEU A 132 -9.05 14.75 9.66
CA LEU A 132 -10.02 15.36 8.80
C LEU A 132 -11.41 14.83 9.11
N ASN A 133 -11.50 13.57 9.48
CA ASN A 133 -12.82 12.94 9.61
C ASN A 133 -13.52 13.23 10.92
N GLY A 134 -12.72 13.46 11.96
CA GLY A 134 -13.26 13.61 13.30
C GLY A 134 -12.72 14.84 14.01
N LYS A 135 -12.30 15.84 13.25
CA LYS A 135 -11.93 17.11 13.86
C LYS A 135 -12.70 18.27 13.29
N LEU A 136 -12.67 19.37 14.04
CA LEU A 136 -13.07 20.71 13.61
C LEU A 136 -14.44 20.87 12.95
N LYS A 137 -15.35 19.93 13.18
CA LYS A 137 -16.68 20.07 12.62
C LYS A 137 -17.42 21.30 13.18
N ASP A 138 -17.03 21.74 14.36
CA ASP A 138 -17.69 22.87 15.00
C ASP A 138 -16.83 24.13 14.96
N ALA A 139 -16.02 24.25 13.91
CA ALA A 139 -15.28 25.47 13.67
C ALA A 139 -15.89 26.20 12.50
N GLU A 140 -16.00 27.52 12.61
CA GLU A 140 -16.48 28.36 11.50
C GLU A 140 -15.43 28.53 10.42
N LYS A 141 -14.18 28.62 10.87
CA LYS A 141 -13.02 28.75 9.99
C LYS A 141 -12.02 27.64 10.34
N PRO A 142 -12.37 26.37 10.05
CA PRO A 142 -11.38 25.32 10.32
C PRO A 142 -10.30 25.24 9.23
N VAL A 143 -9.06 25.11 9.69
CA VAL A 143 -7.88 24.90 8.86
C VAL A 143 -7.07 23.76 9.48
N LEU A 144 -6.74 22.77 8.68
CA LEU A 144 -5.89 21.69 9.15
C LEU A 144 -4.47 21.89 8.58
N PHE A 145 -3.49 22.02 9.46
CA PHE A 145 -2.10 22.14 9.07
C PHE A 145 -1.43 20.77 9.14
N PHE A 146 -0.78 20.36 8.06
CA PHE A 146 -0.08 19.08 8.02
C PHE A 146 1.41 19.33 8.13
N GLU A 147 2.06 18.67 9.09
CA GLU A 147 3.51 18.62 9.06
C GLU A 147 3.93 17.70 7.89
N ARG A 148 4.34 18.34 6.79
CA ARG A 148 4.70 17.70 5.54
C ARG A 148 3.52 16.98 4.90
N SER A 149 3.74 16.33 3.76
CA SER A 149 2.63 15.77 2.99
C SER A 149 3.01 14.51 2.22
N VAL A 150 2.04 13.91 1.54
CA VAL A 150 2.30 12.79 0.63
C VAL A 150 3.22 13.24 -0.51
N TYR A 151 3.25 14.54 -0.79
CA TYR A 151 4.12 15.08 -1.81
C TYR A 151 5.60 15.23 -1.40
N SER A 152 5.86 15.52 -0.13
CA SER A 152 7.21 15.44 0.43
C SER A 152 7.64 13.99 0.46
N ASP A 153 6.76 13.09 0.93
CA ASP A 153 7.08 11.68 1.03
C ASP A 153 7.74 11.18 -0.26
N ARG A 154 7.10 11.47 -1.39
CA ARG A 154 7.53 11.01 -2.72
C ARG A 154 8.52 11.91 -3.42
N TYR A 155 8.19 13.18 -3.60
CA TYR A 155 8.99 14.00 -4.52
C TYR A 155 10.22 14.61 -3.87
N ILE A 156 10.29 14.51 -2.56
CA ILE A 156 11.48 14.89 -1.84
C ILE A 156 12.24 13.64 -1.37
N PHE A 157 11.65 12.94 -0.41
CA PHE A 157 12.32 11.86 0.27
C PHE A 157 12.47 10.62 -0.60
N ALA A 158 11.38 10.05 -1.10
CA ALA A 158 11.47 8.79 -1.84
C ALA A 158 12.27 9.01 -3.14
N SER A 159 12.06 10.16 -3.79
CA SER A 159 12.90 10.56 -4.92
C SER A 159 14.39 10.64 -4.59
N ASN A 160 14.72 11.23 -3.45
CA ASN A 160 16.12 11.34 -3.03
C ASN A 160 16.78 10.02 -2.77
N LEU A 161 16.09 9.13 -2.06
CA LEU A 161 16.56 7.76 -1.85
C LEU A 161 16.79 6.99 -3.16
N TYR A 162 15.89 7.13 -4.14
CA TYR A 162 16.09 6.52 -5.48
C TYR A 162 17.28 7.16 -6.20
N GLU A 163 17.40 8.49 -6.10
CA GLU A 163 18.48 9.19 -6.80
C GLU A 163 19.82 8.78 -6.24
N SER A 164 19.82 8.34 -4.98
CA SER A 164 20.99 7.80 -4.31
CA SER A 164 21.01 7.80 -4.33
C SER A 164 21.04 6.27 -4.35
N GLU A 165 20.36 5.66 -5.32
CA GLU A 165 20.40 4.21 -5.50
C GLU A 165 20.04 3.35 -4.26
N SER A 166 19.43 3.97 -3.24
CA SER A 166 18.88 3.22 -2.08
C SER A 166 17.58 2.50 -2.45
N MET A 167 16.95 2.91 -3.53
CA MET A 167 15.96 2.14 -4.27
C MET A 167 16.40 1.88 -5.73
N ASN A 168 16.29 0.63 -6.17
CA ASN A 168 16.46 0.29 -7.60
C ASN A 168 15.24 0.77 -8.46
N GLU A 169 15.31 0.65 -9.79
CA GLU A 169 14.19 1.11 -10.64
C GLU A 169 12.86 0.45 -10.34
N THR A 170 12.90 -0.85 -10.01
CA THR A 170 11.71 -1.62 -9.74
C THR A 170 11.07 -1.11 -8.42
N GLU A 171 11.86 -0.92 -7.38
CA GLU A 171 11.33 -0.40 -6.11
C GLU A 171 10.70 0.98 -6.29
N TRP A 172 11.32 1.81 -7.14
CA TRP A 172 10.90 3.22 -7.35
C TRP A 172 9.62 3.24 -8.16
N THR A 173 9.58 2.38 -9.17
CA THR A 173 8.41 2.34 -10.02
C THR A 173 7.22 1.75 -9.25
N ILE A 174 7.46 0.67 -8.51
CA ILE A 174 6.47 0.08 -7.60
C ILE A 174 5.98 1.13 -6.63
N TYR A 175 6.92 1.84 -6.01
CA TYR A 175 6.57 2.96 -5.10
C TYR A 175 5.69 4.06 -5.73
N GLN A 176 6.03 4.52 -6.92
CA GLN A 176 5.24 5.61 -7.54
C GLN A 176 3.84 5.11 -7.90
N ASP A 177 3.76 3.93 -8.54
CA ASP A 177 2.47 3.25 -8.79
C ASP A 177 1.63 3.06 -7.51
N TRP A 178 2.23 2.52 -6.45
CA TRP A 178 1.58 2.41 -5.13
C TRP A 178 1.10 3.79 -4.60
N HIS A 179 1.91 4.82 -4.85
CA HIS A 179 1.54 6.21 -4.53
C HIS A 179 0.46 6.81 -5.44
N ASP A 180 0.61 6.67 -6.77
CA ASP A 180 -0.34 7.25 -7.74
C ASP A 180 -1.73 6.70 -7.47
N TRP A 181 -1.76 5.45 -7.03
CA TRP A 181 -3.03 4.79 -6.76
C TRP A 181 -3.51 5.02 -5.31
N MET A 182 -2.73 4.63 -4.31
CA MET A 182 -3.07 4.91 -2.92
C MET A 182 -3.67 6.31 -2.80
N ASN A 183 -3.10 7.27 -3.55
CA ASN A 183 -3.63 8.63 -3.63
C ASN A 183 -4.72 8.78 -4.66
N ASN A 184 -5.69 7.87 -4.60
CA ASN A 184 -6.89 8.03 -5.43
C ASN A 184 -8.07 7.24 -4.93
N GLY A 187 -7.76 8.48 -0.91
CA GLY A 187 -6.87 9.45 -0.33
C GLY A 187 -7.09 10.82 -0.99
N GLN A 188 -7.97 10.82 -2.01
CA GLN A 188 -8.42 12.01 -2.76
C GLN A 188 -8.63 13.29 -1.94
N SER A 189 -9.49 13.18 -0.93
CA SER A 189 -9.95 14.29 -0.12
C SER A 189 -8.78 15.01 0.57
N LEU A 190 -7.56 14.60 0.23
CA LEU A 190 -6.34 15.20 0.77
C LEU A 190 -5.71 16.28 -0.11
N GLU A 191 -6.42 16.74 -1.14
CA GLU A 191 -5.87 17.83 -1.98
C GLU A 191 -5.67 19.07 -1.11
N LEU A 192 -4.54 19.74 -1.30
CA LEU A 192 -4.21 20.86 -0.41
C LEU A 192 -4.79 22.17 -0.92
N ASP A 193 -5.27 23.00 0.01
CA ASP A 193 -5.67 24.38 -0.30
C ASP A 193 -4.51 25.39 -0.36
N GLY A 194 -3.45 25.12 0.40
CA GLY A 194 -2.18 25.85 0.23
C GLY A 194 -1.00 25.13 0.87
N ILE A 195 0.19 25.62 0.58
CA ILE A 195 1.44 25.07 1.06
C ILE A 195 2.24 26.23 1.64
N ILE A 196 2.68 26.06 2.88
CA ILE A 196 3.64 26.94 3.51
C ILE A 196 5.04 26.34 3.48
N TYR A 197 5.98 27.04 2.83
CA TYR A 197 7.39 26.57 2.82
C TYR A 197 8.26 27.25 3.89
N LEU A 198 8.67 26.50 4.89
CA LEU A 198 9.58 27.09 5.85
C LEU A 198 10.97 26.93 5.30
N GLN A 199 11.52 28.02 4.77
CA GLN A 199 12.83 28.03 4.11
C GLN A 199 13.98 28.32 5.08
N ALA A 200 15.00 27.46 5.05
CA ALA A 200 16.21 27.63 5.86
C ALA A 200 17.40 27.08 5.09
N THR A 201 18.54 27.79 5.16
CA THR A 201 19.72 27.35 4.43
C THR A 201 20.08 25.93 4.87
N PRO A 202 20.78 25.17 4.00
CA PRO A 202 21.33 23.89 4.40
C PRO A 202 22.13 24.02 5.67
N GLU A 203 22.88 25.14 5.81
CA GLU A 203 23.71 25.40 7.02
C GLU A 203 22.88 25.69 8.28
N THR A 204 21.84 26.50 8.16
CA THR A 204 20.94 26.71 9.30
C THR A 204 20.39 25.42 9.88
N CYS A 205 19.94 24.54 9.00
CA CYS A 205 19.44 23.25 9.42
C CYS A 205 20.48 22.46 10.25
N LEU A 206 21.71 22.38 9.77
CA LEU A 206 22.75 21.57 10.44
C LEU A 206 23.01 22.00 11.91
N HIS A 207 23.06 23.30 12.14
CA HIS A 207 23.17 23.87 13.49
C HIS A 207 21.96 23.56 14.32
N ARG A 208 20.78 23.57 13.69
CA ARG A 208 19.57 23.28 14.43
C ARG A 208 19.53 21.80 14.80
N ILE A 209 20.06 20.94 13.91
CA ILE A 209 20.33 19.55 14.27
C ILE A 209 21.19 19.50 15.55
N TYR A 210 22.12 20.44 15.69
CA TYR A 210 22.91 20.56 16.93
C TYR A 210 22.04 21.00 18.12
N LEU A 211 21.19 22.01 17.93
CA LEU A 211 20.32 22.52 19.01
C LEU A 211 19.30 21.50 19.54
N ARG A 212 18.74 20.68 18.65
CA ARG A 212 17.84 19.58 19.06
C ARG A 212 18.71 18.55 19.78
N GLY A 213 19.82 18.17 19.14
CA GLY A 213 20.90 17.42 19.78
C GLY A 213 20.70 15.93 19.95
N ARG A 214 19.82 15.34 19.15
CA ARG A 214 19.61 13.89 19.17
C ARG A 214 20.87 13.22 18.64
N ASN A 215 21.27 12.13 19.30
CA ASN A 215 22.53 11.47 18.93
C ASN A 215 22.53 10.97 17.48
N GLU A 216 21.42 10.37 17.06
CA GLU A 216 21.28 9.83 15.68
C GLU A 216 21.40 10.85 14.55
N GLU A 217 21.25 12.13 14.87
CA GLU A 217 21.21 13.15 13.84
C GLU A 217 22.54 13.83 13.57
N GLN A 218 23.51 13.69 14.47
CA GLN A 218 24.75 14.48 14.33
C GLN A 218 25.59 14.10 13.11
N GLY A 219 25.41 12.86 12.63
CA GLY A 219 26.07 12.39 11.42
C GLY A 219 25.27 12.56 10.13
N ILE A 220 24.24 13.43 10.16
CA ILE A 220 23.55 13.82 8.92
C ILE A 220 24.55 14.70 8.19
N PRO A 221 24.93 14.32 6.95
CA PRO A 221 25.90 15.17 6.28
C PRO A 221 25.29 16.43 5.74
N LEU A 222 26.03 17.54 5.86
CA LEU A 222 25.61 18.76 5.21
C LEU A 222 25.32 18.42 3.74
N GLU A 223 26.01 17.39 3.22
CA GLU A 223 25.79 16.95 1.85
C GLU A 223 24.33 16.50 1.64
N TYR A 224 23.78 15.76 2.61
CA TYR A 224 22.41 15.23 2.51
C TYR A 224 21.34 16.33 2.62
N LEU A 225 21.57 17.28 3.53
CA LEU A 225 20.68 18.44 3.69
C LEU A 225 20.65 19.23 2.39
N GLU A 226 21.84 19.44 1.81
CA GLU A 226 21.94 20.22 0.57
C GLU A 226 21.13 19.64 -0.59
N LYS A 227 21.16 18.32 -0.77
CA LYS A 227 20.33 17.68 -1.83
C LYS A 227 18.84 17.89 -1.55
N LEU A 228 18.45 17.62 -0.31
CA LEU A 228 17.06 17.85 0.13
C LEU A 228 16.65 19.29 -0.14
N HIS A 229 17.57 20.22 0.17
CA HIS A 229 17.33 21.65 -0.02
C HIS A 229 17.04 21.99 -1.47
N TYR A 230 17.85 21.49 -2.41
CA TYR A 230 17.59 21.79 -3.83
C TYR A 230 16.26 21.23 -4.29
N LYS A 231 15.83 20.14 -3.65
CA LYS A 231 14.56 19.53 -4.01
C LYS A 231 13.41 20.43 -3.59
N HIS A 232 13.47 20.90 -2.35
CA HIS A 232 12.43 21.82 -1.84
C HIS A 232 12.39 23.07 -2.70
N GLU A 233 13.55 23.68 -2.97
CA GLU A 233 13.66 24.90 -3.80
C GLU A 233 13.09 24.77 -5.21
N SER A 234 13.51 23.72 -5.91
CA SER A 234 12.95 23.46 -7.24
C SER A 234 11.44 23.20 -7.17
N TRP A 235 10.98 22.49 -6.14
CA TRP A 235 9.53 22.23 -5.98
C TRP A 235 8.76 23.47 -5.51
N LEU A 236 9.23 24.13 -4.46
CA LEU A 236 8.41 25.14 -3.81
C LEU A 236 8.79 26.61 -4.09
N LEU A 237 9.97 26.82 -4.68
CA LEU A 237 10.48 28.16 -4.95
C LEU A 237 10.63 28.45 -6.43
N HIS A 238 11.44 27.64 -7.14
CA HIS A 238 11.56 27.70 -8.59
C HIS A 238 10.29 27.23 -9.27
N ARG A 239 9.66 26.21 -8.68
CA ARG A 239 8.50 25.47 -9.21
C ARG A 239 8.76 24.83 -10.58
N THR A 240 9.89 24.14 -10.67
CA THR A 240 10.27 23.42 -11.88
C THR A 240 9.93 21.93 -11.84
N LEU A 241 9.25 21.51 -10.76
CA LEU A 241 8.86 20.12 -10.54
C LEU A 241 7.54 19.79 -11.20
N LYS A 242 7.56 18.78 -12.05
CA LYS A 242 6.39 18.33 -12.77
C LYS A 242 5.95 17.07 -12.04
N THR A 243 4.87 17.17 -11.28
CA THR A 243 4.38 16.01 -10.53
C THR A 243 3.20 15.38 -11.21
N ASN A 244 2.66 14.34 -10.59
CA ASN A 244 1.54 13.65 -11.18
C ASN A 244 0.17 14.19 -10.71
N PHE A 245 0.19 15.34 -10.06
CA PHE A 245 -1.03 15.84 -9.43
C PHE A 245 -1.38 17.22 -9.96
N ASP A 246 -2.32 17.23 -10.89
CA ASP A 246 -2.59 18.40 -11.73
C ASP A 246 -2.52 19.74 -10.97
N TYR A 247 -3.35 19.88 -9.95
CA TYR A 247 -3.45 21.12 -9.17
C TYR A 247 -2.13 21.70 -8.59
N LEU A 248 -1.11 20.86 -8.37
CA LEU A 248 0.13 21.30 -7.69
C LEU A 248 0.97 22.39 -8.38
N GLN A 249 0.80 22.55 -9.69
CA GLN A 249 1.57 23.57 -10.40
C GLN A 249 0.98 24.95 -10.14
N GLU A 250 -0.24 24.97 -9.61
CA GLU A 250 -0.95 26.21 -9.36
C GLU A 250 -1.43 26.46 -7.91
N VAL A 251 -1.20 25.52 -6.98
CA VAL A 251 -1.58 25.73 -5.55
C VAL A 251 -0.77 26.89 -4.95
N PRO A 252 -1.42 27.77 -4.16
CA PRO A 252 -0.68 28.82 -3.48
C PRO A 252 0.41 28.30 -2.55
N ILE A 253 1.58 28.90 -2.68
CA ILE A 253 2.70 28.63 -1.80
C ILE A 253 2.94 29.91 -1.04
N LEU A 254 3.26 29.79 0.25
CA LEU A 254 3.75 30.90 1.06
C LEU A 254 5.15 30.57 1.54
N THR A 255 6.13 31.38 1.13
CA THR A 255 7.52 31.11 1.48
C THR A 255 7.95 31.95 2.67
N LEU A 256 8.31 31.31 3.77
CA LEU A 256 8.71 32.01 4.99
C LEU A 256 10.16 31.75 5.37
N ASP A 257 10.96 32.80 5.33
CA ASP A 257 12.34 32.78 5.81
C ASP A 257 12.37 32.53 7.31
N VAL A 258 12.86 31.37 7.73
CA VAL A 258 12.99 31.05 9.13
C VAL A 258 14.47 30.92 9.55
N ASN A 259 15.36 31.47 8.73
CA ASN A 259 16.78 31.49 9.05
C ASN A 259 17.10 32.14 10.38
N GLU A 260 16.26 33.09 10.79
CA GLU A 260 16.32 33.64 12.12
C GLU A 260 15.45 32.83 13.08
N ASP A 261 15.99 32.58 14.27
CA ASP A 261 15.21 32.05 15.39
C ASP A 261 13.87 32.80 15.56
N PHE A 262 12.77 32.05 15.60
CA PHE A 262 11.42 32.62 15.67
C PHE A 262 10.62 32.14 16.89
N LYS A 263 11.22 31.31 17.75
CA LYS A 263 10.53 30.73 18.93
C LYS A 263 9.88 31.73 19.86
N ASP A 264 10.52 32.88 20.04
CA ASP A 264 9.91 33.90 20.89
C ASP A 264 9.80 35.23 20.15
N LYS A 265 9.62 35.14 18.85
CA LYS A 265 9.51 36.29 17.95
C LYS A 265 8.79 35.83 16.67
N TYR A 266 7.61 35.26 16.84
CA TYR A 266 6.90 34.64 15.73
C TYR A 266 5.75 35.46 15.18
N GLU A 267 5.47 36.63 15.76
CA GLU A 267 4.31 37.38 15.28
C GLU A 267 4.31 37.71 13.80
N SER A 268 5.44 38.13 13.24
CA SER A 268 5.46 38.48 11.82
CA SER A 268 5.45 38.49 11.83
C SER A 268 5.14 37.28 10.92
N LEU A 269 5.64 36.09 11.29
CA LEU A 269 5.35 34.84 10.55
C LEU A 269 3.87 34.46 10.63
N VAL A 270 3.33 34.48 11.85
CA VAL A 270 1.91 34.14 12.03
C VAL A 270 1.04 35.14 11.28
N GLU A 271 1.42 36.42 11.32
CA GLU A 271 0.76 37.43 10.51
C GLU A 271 0.74 37.11 9.01
N LYS A 272 1.89 36.69 8.45
CA LYS A 272 1.89 36.29 7.05
C LYS A 272 0.96 35.08 6.78
N VAL A 273 0.90 34.14 7.70
CA VAL A 273 0.00 32.98 7.53
C VAL A 273 -1.51 33.41 7.51
N LYS A 274 -1.85 34.35 8.37
CA LYS A 274 -3.23 34.84 8.48
C LYS A 274 -3.66 35.50 7.18
N GLU A 275 -2.82 36.39 6.64
CA GLU A 275 -2.99 36.97 5.31
C GLU A 275 -3.06 35.92 4.18
N PHE A 276 -2.12 34.95 4.18
CA PHE A 276 -2.16 33.81 3.24
C PHE A 276 -3.54 33.17 3.30
N LEU A 277 -3.99 32.79 4.51
CA LEU A 277 -5.30 32.16 4.73
C LEU A 277 -6.49 32.99 4.20
N SER A 278 -6.35 34.31 4.21
CA SER A 278 -7.45 35.15 3.70
C SER A 278 -7.63 35.01 2.21
N THR A 279 -6.52 34.93 1.47
CA THR A 279 -6.54 34.75 0.01
C THR A 279 -7.32 33.53 -0.41
N LEU A 280 -7.25 32.50 0.42
CA LEU A 280 -7.87 31.23 0.11
C LEU A 280 -9.40 31.40 0.22
N THR B 39 -22.87 -4.48 -3.83
CA THR B 39 -23.27 -4.52 -5.27
C THR B 39 -24.35 -5.55 -5.58
N ARG B 40 -24.81 -5.50 -6.82
CA ARG B 40 -25.74 -6.46 -7.41
C ARG B 40 -24.91 -7.59 -8.02
N ILE B 41 -23.67 -7.26 -8.35
CA ILE B 41 -22.71 -8.27 -8.75
C ILE B 41 -22.43 -9.21 -7.59
N LYS B 42 -22.52 -10.50 -7.90
CA LYS B 42 -22.12 -11.57 -7.02
C LYS B 42 -20.62 -11.79 -7.20
N LYS B 43 -19.88 -11.72 -6.11
CA LYS B 43 -18.44 -11.91 -6.16
C LYS B 43 -18.08 -13.21 -5.49
N ILE B 44 -17.35 -14.06 -6.23
CA ILE B 44 -16.98 -15.39 -5.74
C ILE B 44 -15.49 -15.61 -6.00
N SER B 45 -14.71 -15.99 -4.99
CA SER B 45 -13.29 -16.25 -5.24
CA SER B 45 -13.29 -16.24 -5.22
C SER B 45 -13.07 -17.74 -5.44
N ILE B 46 -12.21 -18.07 -6.37
CA ILE B 46 -11.75 -19.45 -6.54
C ILE B 46 -10.40 -19.59 -5.86
N GLU B 47 -10.35 -20.47 -4.88
CA GLU B 47 -9.10 -20.73 -4.12
C GLU B 47 -8.58 -22.13 -4.41
N GLY B 48 -7.33 -22.36 -4.02
CA GLY B 48 -6.72 -23.69 -4.04
C GLY B 48 -5.23 -23.57 -4.22
N ASN B 49 -4.52 -24.69 -4.02
CA ASN B 49 -3.05 -24.70 -4.18
C ASN B 49 -2.61 -24.43 -5.61
N ILE B 50 -1.33 -24.08 -5.79
CA ILE B 50 -0.69 -23.92 -7.11
C ILE B 50 -0.96 -25.14 -8.01
N ALA B 51 -1.23 -24.85 -9.28
CA ALA B 51 -1.56 -25.85 -10.32
C ALA B 51 -2.71 -26.80 -9.93
N ALA B 52 -3.59 -26.36 -9.02
CA ALA B 52 -4.76 -27.17 -8.65
C ALA B 52 -5.73 -27.23 -9.84
N GLY B 53 -5.61 -26.23 -10.72
CA GLY B 53 -6.49 -26.10 -11.89
C GLY B 53 -7.47 -24.94 -11.82
N LYS B 54 -7.16 -23.92 -11.03
CA LYS B 54 -7.99 -22.70 -10.94
C LYS B 54 -8.11 -21.95 -12.25
N SER B 55 -6.96 -21.71 -12.92
CA SER B 55 -6.92 -21.04 -14.22
C SER B 55 -7.78 -21.80 -15.26
N THR B 56 -7.59 -23.12 -15.30
CA THR B 56 -8.37 -24.00 -16.16
C THR B 56 -9.88 -23.77 -15.88
N PHE B 57 -10.28 -23.93 -14.62
CA PHE B 57 -11.68 -23.85 -14.26
C PHE B 57 -12.27 -22.47 -14.53
N VAL B 58 -11.52 -21.42 -14.18
CA VAL B 58 -11.96 -20.04 -14.47
C VAL B 58 -12.23 -19.73 -15.97
N ASN B 59 -11.37 -20.21 -16.87
CA ASN B 59 -11.57 -20.02 -18.31
C ASN B 59 -12.77 -20.83 -18.85
N ILE B 60 -13.13 -21.89 -18.14
CA ILE B 60 -14.32 -22.67 -18.41
C ILE B 60 -15.61 -21.92 -18.01
N LEU B 61 -15.58 -21.24 -16.87
CA LEU B 61 -16.78 -20.61 -16.34
C LEU B 61 -17.11 -19.32 -17.09
N LYS B 62 -16.10 -18.55 -17.43
CA LYS B 62 -16.28 -17.27 -18.16
C LYS B 62 -17.12 -17.49 -19.44
N GLN B 63 -16.85 -18.61 -20.09
CA GLN B 63 -17.48 -18.98 -21.35
C GLN B 63 -18.95 -19.40 -21.29
N LEU B 64 -19.41 -19.82 -20.12
CA LEU B 64 -20.71 -20.50 -20.04
C LEU B 64 -21.86 -19.53 -19.96
N SER B 65 -21.68 -18.38 -19.31
CA SER B 65 -22.79 -17.44 -19.13
C SER B 65 -22.44 -15.96 -19.34
N GLU B 66 -23.26 -15.30 -20.16
CA GLU B 66 -23.07 -13.87 -20.40
CA GLU B 66 -23.13 -13.87 -20.41
C GLU B 66 -23.08 -13.04 -19.12
N ASP B 67 -23.69 -13.56 -18.06
CA ASP B 67 -23.74 -12.95 -16.75
C ASP B 67 -22.48 -13.25 -15.88
N TRP B 68 -21.54 -13.99 -16.43
CA TRP B 68 -20.33 -14.36 -15.67
C TRP B 68 -19.05 -13.70 -16.18
N GLU B 69 -18.35 -13.03 -15.28
CA GLU B 69 -17.06 -12.40 -15.57
C GLU B 69 -16.01 -12.91 -14.56
N VAL B 70 -14.75 -12.99 -14.99
CA VAL B 70 -13.65 -13.49 -14.15
C VAL B 70 -12.62 -12.36 -13.94
N VAL B 71 -11.94 -12.36 -12.79
CA VAL B 71 -10.78 -11.48 -12.57
C VAL B 71 -9.55 -12.37 -12.36
N PRO B 72 -8.68 -12.49 -13.38
CA PRO B 72 -7.53 -13.36 -13.29
C PRO B 72 -6.45 -12.73 -12.37
N GLU B 73 -5.65 -13.59 -11.76
CA GLU B 73 -4.72 -13.16 -10.73
CA GLU B 73 -4.74 -13.15 -10.73
C GLU B 73 -3.54 -12.40 -11.35
N PRO B 74 -3.22 -11.22 -10.78
CA PRO B 74 -2.02 -10.49 -11.24
C PRO B 74 -0.76 -11.35 -11.33
N VAL B 75 -0.32 -11.96 -10.24
CA VAL B 75 0.92 -12.79 -10.35
C VAL B 75 0.87 -13.90 -11.44
N ALA B 76 -0.30 -14.54 -11.61
CA ALA B 76 -0.48 -15.60 -12.62
C ALA B 76 -0.24 -15.01 -14.00
N ARG B 77 -0.68 -13.76 -14.19
CA ARG B 77 -0.38 -12.96 -15.38
C ARG B 77 1.12 -12.77 -15.58
N TRP B 78 1.82 -12.34 -14.51
CA TRP B 78 3.27 -12.10 -14.55
C TRP B 78 4.10 -13.33 -14.88
N SER B 79 3.60 -14.52 -14.55
CA SER B 79 4.35 -15.76 -14.72
C SER B 79 4.80 -15.94 -16.18
N ASN B 80 3.87 -15.76 -17.12
CA ASN B 80 4.18 -15.77 -18.56
C ASN B 80 5.00 -14.54 -19.04
N VAL B 81 4.42 -13.78 -19.97
CA VAL B 81 5.11 -12.63 -20.57
C VAL B 81 4.14 -11.74 -21.36
N LEU B 91 4.04 -4.38 -22.97
CA LEU B 91 4.53 -4.59 -21.61
C LEU B 91 4.18 -3.38 -20.71
N THR B 92 3.02 -3.43 -20.06
CA THR B 92 2.62 -2.33 -19.17
C THR B 92 3.56 -2.20 -17.97
N MET B 93 3.57 -0.99 -17.42
CA MET B 93 4.19 -0.68 -16.14
C MET B 93 4.08 -1.84 -15.13
N GLU B 94 2.86 -2.31 -14.87
CA GLU B 94 2.64 -3.39 -13.89
C GLU B 94 3.29 -4.71 -14.31
N GLN B 95 3.11 -5.10 -15.57
CA GLN B 95 3.76 -6.30 -16.09
C GLN B 95 5.29 -6.22 -15.93
N LYS B 96 5.84 -5.05 -16.22
CA LYS B 96 7.28 -4.81 -16.14
C LYS B 96 7.79 -4.93 -14.68
N ASN B 97 7.14 -4.22 -13.76
CA ASN B 97 7.44 -4.37 -12.32
C ASN B 97 7.17 -5.79 -11.90
N GLY B 98 6.01 -6.29 -12.30
CA GLY B 98 5.60 -7.67 -12.07
C GLY B 98 6.64 -8.71 -12.43
N GLY B 99 7.07 -8.73 -13.70
CA GLY B 99 8.09 -9.70 -14.14
C GLY B 99 9.35 -9.60 -13.29
N ASN B 100 9.74 -8.36 -13.00
CA ASN B 100 10.97 -8.12 -12.25
C ASN B 100 10.88 -8.59 -10.82
N VAL B 101 9.82 -8.19 -10.10
CA VAL B 101 9.78 -8.49 -8.68
C VAL B 101 9.53 -9.97 -8.47
N LEU B 102 8.86 -10.59 -9.44
CA LEU B 102 8.66 -12.02 -9.41
C LEU B 102 10.03 -12.74 -9.58
N GLN B 103 10.86 -12.23 -10.48
CA GLN B 103 12.17 -12.87 -10.67
C GLN B 103 13.08 -12.64 -9.46
N MET B 104 13.04 -11.43 -8.90
CA MET B 104 13.83 -11.10 -7.73
CA MET B 104 13.81 -11.06 -7.73
C MET B 104 13.33 -11.93 -6.56
N MET B 105 12.01 -12.07 -6.46
CA MET B 105 11.37 -12.91 -5.44
C MET B 105 11.99 -14.30 -5.41
N TYR B 106 11.99 -14.92 -6.59
CA TYR B 106 12.47 -16.30 -6.76
C TYR B 106 13.96 -16.47 -6.36
N GLU B 107 14.81 -15.53 -6.79
CA GLU B 107 16.24 -15.54 -6.48
C GLU B 107 16.53 -15.32 -4.99
N LYS B 108 15.81 -14.38 -4.38
CA LYS B 108 16.17 -13.94 -3.05
C LYS B 108 14.89 -13.55 -2.29
N PRO B 109 14.16 -14.55 -1.74
CA PRO B 109 12.88 -14.29 -1.08
C PRO B 109 12.95 -13.55 0.28
N GLU B 110 14.02 -13.73 1.06
CA GLU B 110 14.18 -12.97 2.32
C GLU B 110 14.30 -11.46 2.08
N ARG B 111 14.66 -11.10 0.85
CA ARG B 111 14.91 -9.74 0.45
C ARG B 111 13.65 -9.16 -0.21
N TRP B 112 12.89 -9.99 -0.90
CA TRP B 112 11.87 -9.50 -1.81
C TRP B 112 10.43 -9.82 -1.42
N SER B 113 10.23 -10.69 -0.42
CA SER B 113 8.88 -11.17 -0.05
C SER B 113 7.94 -10.03 0.35
N PHE B 114 8.44 -9.06 1.11
CA PHE B 114 7.60 -7.94 1.49
C PHE B 114 7.16 -7.11 0.28
N THR B 115 8.10 -6.72 -0.55
CA THR B 115 7.86 -5.88 -1.70
C THR B 115 6.90 -6.57 -2.68
N PHE B 116 7.14 -7.84 -2.94
CA PHE B 116 6.34 -8.57 -3.90
C PHE B 116 4.91 -8.74 -3.36
N GLN B 117 4.78 -9.08 -2.07
CA GLN B 117 3.46 -9.28 -1.49
C GLN B 117 2.63 -8.01 -1.53
N THR B 118 3.25 -6.85 -1.25
CA THR B 118 2.55 -5.56 -1.30
CA THR B 118 2.52 -5.57 -1.32
C THR B 118 2.03 -5.31 -2.73
N TYR B 119 2.92 -5.48 -3.71
CA TYR B 119 2.55 -5.21 -5.10
C TYR B 119 1.46 -6.13 -5.63
N ALA B 120 1.67 -7.43 -5.46
CA ALA B 120 0.68 -8.42 -5.86
C ALA B 120 -0.72 -8.17 -5.25
N CYS B 121 -0.80 -7.77 -3.98
CA CYS B 121 -2.11 -7.50 -3.37
C CYS B 121 -2.68 -6.16 -3.83
N LEU B 122 -1.81 -5.18 -4.07
CA LEU B 122 -2.26 -3.89 -4.61
C LEU B 122 -2.81 -4.14 -6.00
N SER B 123 -2.08 -4.93 -6.78
CA SER B 123 -2.41 -5.22 -8.16
C SER B 123 -3.74 -5.94 -8.21
N ARG B 124 -3.96 -6.87 -7.29
CA ARG B 124 -5.26 -7.57 -7.22
C ARG B 124 -6.41 -6.60 -6.97
N ILE B 125 -6.28 -5.79 -5.92
CA ILE B 125 -7.33 -4.88 -5.48
C ILE B 125 -7.63 -3.95 -6.63
N ARG B 126 -6.61 -3.51 -7.35
CA ARG B 126 -6.84 -2.65 -8.49
C ARG B 126 -7.72 -3.33 -9.51
N ALA B 127 -7.32 -4.54 -9.94
CA ALA B 127 -7.98 -5.21 -11.06
C ALA B 127 -9.39 -5.61 -10.68
N GLN B 128 -9.56 -6.06 -9.43
CA GLN B 128 -10.88 -6.39 -8.90
C GLN B 128 -11.82 -5.21 -8.85
N LEU B 129 -11.28 -4.02 -8.55
CA LEU B 129 -12.12 -2.83 -8.66
C LEU B 129 -12.46 -2.60 -10.12
N ALA B 130 -11.48 -2.67 -11.00
CA ALA B 130 -11.67 -2.36 -12.43
C ALA B 130 -12.84 -3.15 -13.05
N SER B 131 -12.95 -4.43 -12.70
CA SER B 131 -14.03 -5.27 -13.20
C SER B 131 -15.35 -4.92 -12.54
N LEU B 132 -15.32 -4.68 -11.23
CA LEU B 132 -16.52 -4.39 -10.46
C LEU B 132 -17.23 -3.10 -10.82
N ASN B 133 -16.48 -2.15 -11.37
CA ASN B 133 -17.08 -0.86 -11.75
C ASN B 133 -17.14 -0.69 -13.27
N GLY B 134 -16.79 -1.76 -13.97
CA GLY B 134 -16.70 -1.74 -15.43
C GLY B 134 -17.68 -2.68 -16.10
N LYS B 135 -17.60 -3.97 -15.76
CA LYS B 135 -18.36 -5.01 -16.45
C LYS B 135 -19.69 -5.39 -15.79
N LEU B 136 -20.44 -6.27 -16.46
CA LEU B 136 -21.72 -6.81 -16.00
C LEU B 136 -22.76 -5.72 -15.67
N LYS B 137 -22.66 -4.58 -16.33
CA LYS B 137 -23.49 -3.44 -15.97
C LYS B 137 -24.98 -3.60 -16.35
N ASP B 138 -25.26 -4.37 -17.41
CA ASP B 138 -26.64 -4.67 -17.81
C ASP B 138 -27.04 -6.14 -17.61
N ALA B 139 -26.26 -6.89 -16.82
CA ALA B 139 -26.47 -8.33 -16.66
C ALA B 139 -27.60 -8.65 -15.70
N GLU B 140 -28.37 -9.69 -16.01
CA GLU B 140 -29.50 -10.07 -15.19
C GLU B 140 -29.13 -10.63 -13.80
N LYS B 141 -28.20 -11.57 -13.76
CA LYS B 141 -27.74 -12.16 -12.49
C LYS B 141 -26.21 -12.18 -12.50
N PRO B 142 -25.60 -10.99 -12.30
CA PRO B 142 -24.15 -10.81 -12.55
C PRO B 142 -23.28 -11.66 -11.61
N VAL B 143 -22.23 -12.29 -12.13
CA VAL B 143 -21.27 -13.00 -11.25
C VAL B 143 -19.84 -12.68 -11.67
N LEU B 144 -19.06 -12.22 -10.70
CA LEU B 144 -17.67 -11.96 -10.89
C LEU B 144 -16.88 -13.06 -10.15
N PHE B 145 -16.18 -13.91 -10.91
CA PHE B 145 -15.26 -14.91 -10.34
C PHE B 145 -13.82 -14.41 -10.22
N PHE B 146 -13.39 -14.15 -9.00
CA PHE B 146 -12.03 -13.66 -8.68
C PHE B 146 -11.10 -14.87 -8.70
N GLU B 147 -10.03 -14.82 -9.49
CA GLU B 147 -9.00 -15.85 -9.34
C GLU B 147 -8.14 -15.56 -8.09
N ARG B 148 -8.46 -16.23 -6.98
CA ARG B 148 -7.95 -15.96 -5.60
C ARG B 148 -8.36 -14.57 -5.09
N SER B 149 -8.00 -14.24 -3.85
CA SER B 149 -8.56 -13.06 -3.19
C SER B 149 -7.47 -12.36 -2.37
N VAL B 150 -7.76 -11.18 -1.80
CA VAL B 150 -6.88 -10.48 -0.87
C VAL B 150 -6.59 -11.34 0.37
N TYR B 151 -7.53 -12.24 0.69
CA TYR B 151 -7.33 -13.16 1.78
C TYR B 151 -6.31 -14.22 1.46
N SER B 152 -6.32 -14.73 0.23
CA SER B 152 -5.30 -15.66 -0.25
C SER B 152 -3.93 -15.01 -0.11
N ASP B 153 -3.84 -13.71 -0.42
CA ASP B 153 -2.58 -12.98 -0.38
C ASP B 153 -1.98 -13.02 1.00
N ARG B 154 -2.83 -12.74 1.97
CA ARG B 154 -2.43 -12.54 3.34
C ARG B 154 -2.32 -13.86 4.04
N TYR B 155 -3.34 -14.71 3.90
CA TYR B 155 -3.42 -15.91 4.75
C TYR B 155 -2.85 -17.17 4.12
N ILE B 156 -2.64 -17.14 2.82
CA ILE B 156 -1.86 -18.19 2.20
C ILE B 156 -0.41 -17.78 1.96
N PHE B 157 -0.18 -16.81 1.09
CA PHE B 157 1.19 -16.58 0.62
C PHE B 157 2.10 -15.74 1.53
N ALA B 158 1.60 -14.57 1.93
CA ALA B 158 2.36 -13.71 2.83
C ALA B 158 2.64 -14.49 4.12
N SER B 159 1.61 -15.11 4.67
CA SER B 159 1.73 -15.86 5.92
C SER B 159 2.80 -16.95 5.87
N ASN B 160 2.74 -17.77 4.84
CA ASN B 160 3.72 -18.85 4.65
C ASN B 160 5.15 -18.31 4.53
N LEU B 161 5.29 -17.13 3.92
CA LEU B 161 6.63 -16.50 3.79
C LEU B 161 7.13 -15.98 5.15
N TYR B 162 6.28 -15.32 5.94
CA TYR B 162 6.69 -15.00 7.30
C TYR B 162 7.14 -16.30 8.03
N GLU B 163 6.35 -17.39 7.91
CA GLU B 163 6.66 -18.70 8.52
C GLU B 163 7.91 -19.38 7.98
N SER B 164 8.32 -19.01 6.78
CA SER B 164 9.52 -19.56 6.14
CA SER B 164 9.53 -19.60 6.20
C SER B 164 10.75 -18.72 6.43
N GLU B 165 10.54 -17.62 7.19
CA GLU B 165 11.60 -16.64 7.50
C GLU B 165 12.05 -15.80 6.32
N SER B 166 11.14 -15.63 5.35
CA SER B 166 11.33 -14.79 4.18
C SER B 166 10.85 -13.34 4.41
N MET B 167 10.05 -13.13 5.45
CA MET B 167 9.75 -11.80 5.96
C MET B 167 10.02 -11.84 7.45
N ASN B 168 10.67 -10.79 7.96
CA ASN B 168 10.87 -10.67 9.41
C ASN B 168 9.62 -10.19 10.14
N GLU B 169 9.67 -10.12 11.47
CA GLU B 169 8.47 -9.73 12.18
C GLU B 169 7.91 -8.34 11.75
N THR B 170 8.80 -7.37 11.67
CA THR B 170 8.43 -6.01 11.30
C THR B 170 7.81 -5.92 9.90
N GLU B 171 8.38 -6.66 8.96
CA GLU B 171 7.83 -6.75 7.60
C GLU B 171 6.42 -7.28 7.70
N TRP B 172 6.24 -8.39 8.41
CA TRP B 172 4.94 -9.06 8.46
C TRP B 172 3.86 -8.20 9.18
N THR B 173 4.23 -7.52 10.27
CA THR B 173 3.25 -6.67 10.96
C THR B 173 2.94 -5.38 10.20
N ILE B 174 3.92 -4.83 9.45
CA ILE B 174 3.68 -3.68 8.59
C ILE B 174 2.75 -4.12 7.46
N TYR B 175 3.07 -5.25 6.84
CA TYR B 175 2.17 -5.85 5.82
C TYR B 175 0.72 -6.05 6.29
N GLN B 176 0.55 -6.68 7.44
CA GLN B 176 -0.77 -6.93 8.01
C GLN B 176 -1.45 -5.57 8.26
N ASP B 177 -0.70 -4.61 8.83
CA ASP B 177 -1.24 -3.27 9.11
C ASP B 177 -1.88 -2.65 7.88
N TRP B 178 -1.11 -2.55 6.80
CA TRP B 178 -1.51 -2.05 5.50
C TRP B 178 -2.70 -2.83 4.91
N HIS B 179 -2.58 -4.15 4.83
CA HIS B 179 -3.66 -5.05 4.34
C HIS B 179 -5.01 -4.76 5.04
N ASP B 180 -4.98 -4.69 6.36
CA ASP B 180 -6.16 -4.24 7.10
C ASP B 180 -6.61 -2.90 6.49
N TRP B 181 -5.73 -1.92 6.53
CA TRP B 181 -6.10 -0.58 6.08
C TRP B 181 -6.38 -0.48 4.55
N MET B 182 -5.59 -1.12 3.71
CA MET B 182 -5.72 -1.00 2.25
C MET B 182 -7.06 -1.53 1.75
N ASN B 183 -7.51 -2.63 2.36
CA ASN B 183 -8.81 -3.22 2.03
C ASN B 183 -9.97 -2.45 2.61
N ASN B 184 -9.69 -1.56 3.55
CA ASN B 184 -10.79 -0.85 4.22
C ASN B 184 -11.06 0.48 3.59
N GLN B 185 -9.98 1.14 3.21
CA GLN B 185 -10.07 2.38 2.51
C GLN B 185 -10.46 2.15 1.08
N PHE B 186 -9.97 1.05 0.49
CA PHE B 186 -10.11 0.82 -0.95
C PHE B 186 -10.91 -0.42 -1.33
N GLY B 187 -10.97 -1.41 -0.43
CA GLY B 187 -11.55 -2.70 -0.78
C GLY B 187 -12.86 -3.11 -0.09
N GLN B 188 -13.78 -2.16 0.07
CA GLN B 188 -15.14 -2.41 0.61
C GLN B 188 -16.05 -3.23 -0.33
N SER B 189 -16.12 -2.78 -1.58
CA SER B 189 -16.94 -3.43 -2.56
C SER B 189 -16.32 -4.79 -3.03
N LEU B 190 -15.11 -5.14 -2.56
CA LEU B 190 -14.49 -6.43 -2.92
C LEU B 190 -15.00 -7.60 -2.04
N GLU B 191 -15.69 -7.32 -0.92
CA GLU B 191 -16.08 -8.41 0.01
C GLU B 191 -16.80 -9.60 -0.69
N LEU B 192 -16.53 -10.81 -0.22
CA LEU B 192 -16.99 -11.99 -0.95
C LEU B 192 -18.39 -12.42 -0.55
N ASP B 193 -19.07 -13.05 -1.50
CA ASP B 193 -20.34 -13.71 -1.27
C ASP B 193 -20.18 -15.19 -1.03
N GLY B 194 -19.09 -15.73 -1.53
CA GLY B 194 -18.75 -17.13 -1.30
C GLY B 194 -17.40 -17.48 -1.89
N ILE B 195 -16.91 -18.64 -1.52
CA ILE B 195 -15.65 -19.08 -2.02
C ILE B 195 -15.88 -20.48 -2.60
N ILE B 196 -15.17 -20.77 -3.69
CA ILE B 196 -15.16 -22.10 -4.26
C ILE B 196 -13.75 -22.63 -4.04
N TYR B 197 -13.64 -23.65 -3.19
CA TYR B 197 -12.35 -24.26 -2.87
C TYR B 197 -12.12 -25.42 -3.84
N LEU B 198 -11.17 -25.26 -4.74
CA LEU B 198 -10.70 -26.39 -5.53
C LEU B 198 -9.61 -27.13 -4.75
N GLN B 199 -10.02 -28.23 -4.18
CA GLN B 199 -9.21 -28.99 -3.25
C GLN B 199 -8.66 -30.22 -3.95
N ALA B 200 -7.34 -30.24 -4.18
CA ALA B 200 -6.57 -31.38 -4.70
C ALA B 200 -5.40 -31.65 -3.74
N THR B 201 -4.78 -32.82 -3.85
CA THR B 201 -3.59 -33.11 -2.99
C THR B 201 -2.31 -32.52 -3.63
N PRO B 202 -1.26 -32.26 -2.83
CA PRO B 202 0.01 -31.72 -3.33
C PRO B 202 0.61 -32.55 -4.46
N GLU B 203 0.54 -33.87 -4.30
CA GLU B 203 1.08 -34.81 -5.28
C GLU B 203 0.43 -34.56 -6.65
N THR B 204 -0.90 -34.50 -6.66
CA THR B 204 -1.63 -34.20 -7.89
C THR B 204 -1.21 -32.85 -8.45
N CYS B 205 -1.04 -31.88 -7.56
CA CYS B 205 -0.55 -30.54 -7.93
C CYS B 205 0.90 -30.60 -8.43
N LEU B 206 1.74 -31.35 -7.73
CA LEU B 206 3.13 -31.57 -8.17
C LEU B 206 3.15 -32.20 -9.58
N HIS B 207 2.45 -33.32 -9.69
CA HIS B 207 2.09 -33.96 -10.96
C HIS B 207 1.65 -32.95 -12.01
N ARG B 208 0.73 -32.05 -11.65
CA ARG B 208 0.26 -31.00 -12.55
C ARG B 208 1.27 -29.89 -12.89
N ILE B 209 2.22 -29.58 -12.01
CA ILE B 209 3.34 -28.69 -12.38
C ILE B 209 4.27 -29.35 -13.41
N TYR B 210 4.72 -30.59 -13.11
CA TYR B 210 5.55 -31.39 -14.05
C TYR B 210 4.98 -31.53 -15.45
N LEU B 211 3.64 -31.57 -15.55
CA LEU B 211 2.93 -31.69 -16.84
C LEU B 211 2.66 -30.33 -17.50
N ARG B 212 2.57 -29.29 -16.69
CA ARG B 212 2.25 -27.95 -17.19
C ARG B 212 3.42 -27.35 -17.95
N GLY B 213 4.53 -28.11 -18.03
CA GLY B 213 5.71 -27.74 -18.80
C GLY B 213 6.16 -26.29 -18.70
N ARG B 214 6.32 -25.78 -17.49
CA ARG B 214 6.80 -24.41 -17.28
C ARG B 214 8.10 -24.46 -16.50
N ASN B 215 9.21 -24.20 -17.19
CA ASN B 215 10.54 -24.51 -16.65
C ASN B 215 10.92 -23.74 -15.38
N GLU B 216 10.42 -22.52 -15.26
CA GLU B 216 10.68 -21.64 -14.11
C GLU B 216 10.03 -22.18 -12.85
N GLU B 217 9.09 -23.12 -13.04
CA GLU B 217 8.35 -23.78 -11.99
C GLU B 217 8.81 -25.22 -11.71
N GLN B 218 9.74 -25.74 -12.52
CA GLN B 218 10.11 -27.16 -12.36
C GLN B 218 10.88 -27.37 -11.07
N GLY B 219 11.21 -26.28 -10.39
CA GLY B 219 11.96 -26.31 -9.13
C GLY B 219 11.12 -26.45 -7.88
N ILE B 220 9.83 -26.13 -8.00
CA ILE B 220 8.91 -26.13 -6.87
C ILE B 220 8.93 -27.48 -6.17
N PRO B 221 9.26 -27.49 -4.86
CA PRO B 221 9.28 -28.71 -4.05
C PRO B 221 7.96 -29.07 -3.35
N LEU B 222 7.83 -30.34 -2.96
CA LEU B 222 6.58 -30.89 -2.43
C LEU B 222 6.15 -30.35 -1.06
N GLU B 223 7.08 -30.30 -0.11
CA GLU B 223 6.83 -29.87 1.26
C GLU B 223 6.27 -28.46 1.30
N TYR B 224 6.72 -27.64 0.36
CA TYR B 224 6.19 -26.29 0.13
C TYR B 224 4.72 -26.33 -0.34
N LEU B 225 4.41 -27.27 -1.22
CA LEU B 225 3.03 -27.49 -1.67
C LEU B 225 2.21 -28.06 -0.53
N GLU B 226 2.79 -28.98 0.24
CA GLU B 226 2.17 -29.45 1.48
C GLU B 226 1.87 -28.28 2.42
N LYS B 227 2.85 -27.41 2.63
CA LYS B 227 2.64 -26.20 3.47
C LYS B 227 1.47 -25.31 2.99
N LEU B 228 1.35 -25.15 1.67
CA LEU B 228 0.28 -24.30 1.17
C LEU B 228 -1.07 -25.02 1.25
N HIS B 229 -1.05 -26.32 0.99
CA HIS B 229 -2.23 -27.15 1.14
C HIS B 229 -2.76 -27.13 2.58
N TYR B 230 -1.84 -27.28 3.55
CA TYR B 230 -2.18 -27.32 4.98
C TYR B 230 -2.90 -26.04 5.40
N LYS B 231 -2.43 -24.91 4.89
CA LYS B 231 -3.05 -23.60 5.20
C LYS B 231 -4.39 -23.39 4.50
N HIS B 232 -4.55 -24.01 3.32
CA HIS B 232 -5.84 -24.01 2.60
C HIS B 232 -6.87 -24.87 3.34
N GLU B 233 -6.43 -26.02 3.89
CA GLU B 233 -7.31 -26.89 4.67
C GLU B 233 -7.78 -26.19 5.94
N SER B 234 -6.85 -25.51 6.60
CA SER B 234 -7.18 -24.85 7.88
CA SER B 234 -7.12 -24.83 7.87
C SER B 234 -8.12 -23.67 7.69
N TRP B 235 -7.99 -22.96 6.57
CA TRP B 235 -8.85 -21.81 6.24
C TRP B 235 -10.24 -22.22 5.76
N LEU B 236 -10.30 -23.05 4.72
CA LEU B 236 -11.57 -23.30 3.99
C LEU B 236 -12.35 -24.56 4.34
N LEU B 237 -11.66 -25.63 4.73
CA LEU B 237 -12.30 -26.87 5.17
C LEU B 237 -12.75 -26.80 6.64
N HIS B 238 -11.80 -26.79 7.58
CA HIS B 238 -12.14 -26.86 8.99
C HIS B 238 -12.58 -25.52 9.56
N ARG B 239 -12.14 -24.43 8.92
CA ARG B 239 -12.38 -23.05 9.35
C ARG B 239 -11.78 -22.75 10.73
N THR B 240 -10.66 -23.40 11.04
CA THR B 240 -9.90 -23.12 12.26
C THR B 240 -9.19 -21.78 12.14
N LEU B 241 -8.38 -21.65 11.08
CA LEU B 241 -7.60 -20.45 10.83
C LEU B 241 -8.40 -19.20 11.13
N LYS B 242 -7.87 -18.40 12.05
CA LYS B 242 -8.45 -17.10 12.37
C LYS B 242 -8.04 -16.10 11.31
N THR B 243 -8.99 -15.32 10.83
CA THR B 243 -8.65 -14.12 10.05
C THR B 243 -9.06 -12.91 10.86
N ASN B 244 -8.59 -11.74 10.46
CA ASN B 244 -9.05 -10.53 11.12
C ASN B 244 -10.25 -9.92 10.39
N PHE B 245 -10.95 -10.77 9.65
CA PHE B 245 -12.09 -10.35 8.86
C PHE B 245 -13.35 -11.09 9.30
N ASP B 246 -14.09 -10.46 10.21
CA ASP B 246 -15.22 -11.11 10.87
C ASP B 246 -16.14 -11.84 9.89
N TYR B 247 -16.61 -11.11 8.88
CA TYR B 247 -17.59 -11.61 7.91
C TYR B 247 -17.15 -12.89 7.19
N LEU B 248 -15.83 -13.11 7.12
CA LEU B 248 -15.28 -14.31 6.48
C LEU B 248 -15.63 -15.56 7.23
N GLN B 249 -15.69 -15.46 8.55
CA GLN B 249 -16.08 -16.58 9.40
C GLN B 249 -17.32 -17.24 8.83
N GLU B 250 -18.23 -16.40 8.33
CA GLU B 250 -19.59 -16.77 7.90
C GLU B 250 -19.88 -16.86 6.39
N VAL B 251 -18.83 -16.80 5.54
CA VAL B 251 -19.07 -16.80 4.09
C VAL B 251 -19.29 -18.24 3.63
N PRO B 252 -20.30 -18.46 2.78
CA PRO B 252 -20.55 -19.83 2.36
C PRO B 252 -19.42 -20.35 1.48
N ILE B 253 -19.04 -21.61 1.64
CA ILE B 253 -17.86 -22.19 0.97
C ILE B 253 -18.18 -23.51 0.28
N LEU B 254 -18.06 -23.51 -1.03
CA LEU B 254 -18.19 -24.75 -1.77
C LEU B 254 -16.82 -25.39 -2.02
N THR B 255 -16.65 -26.63 -1.59
CA THR B 255 -15.42 -27.33 -1.90
C THR B 255 -15.60 -28.41 -2.94
N LEU B 256 -14.77 -28.33 -3.95
CA LEU B 256 -14.78 -29.26 -5.05
C LEU B 256 -13.50 -30.07 -4.98
N ASP B 257 -13.63 -31.39 -5.03
CA ASP B 257 -12.48 -32.28 -5.11
C ASP B 257 -12.09 -32.27 -6.56
N VAL B 258 -10.90 -31.77 -6.86
CA VAL B 258 -10.47 -31.68 -8.25
C VAL B 258 -9.23 -32.56 -8.59
N ASN B 259 -9.05 -33.67 -7.87
CA ASN B 259 -7.97 -34.61 -8.20
C ASN B 259 -8.13 -35.26 -9.59
N GLU B 260 -9.36 -35.67 -9.88
CA GLU B 260 -9.74 -36.19 -11.18
C GLU B 260 -9.59 -35.08 -12.25
N ASP B 261 -9.15 -35.45 -13.46
CA ASP B 261 -9.07 -34.49 -14.58
C ASP B 261 -10.47 -34.01 -15.01
N PHE B 262 -10.59 -32.72 -15.32
CA PHE B 262 -11.89 -32.10 -15.66
C PHE B 262 -11.95 -31.27 -16.95
N LYS B 263 -10.83 -31.15 -17.68
CA LYS B 263 -10.76 -30.31 -18.90
C LYS B 263 -11.82 -30.63 -19.96
N ASP B 264 -12.04 -31.91 -20.20
CA ASP B 264 -12.99 -32.36 -21.21
C ASP B 264 -14.35 -32.69 -20.59
N LYS B 265 -14.35 -32.73 -19.25
CA LYS B 265 -15.43 -33.36 -18.51
C LYS B 265 -15.68 -32.62 -17.19
N TYR B 266 -16.37 -31.49 -17.26
CA TYR B 266 -16.51 -30.53 -16.15
C TYR B 266 -17.97 -30.20 -15.82
N GLU B 267 -18.90 -30.88 -16.50
CA GLU B 267 -20.29 -30.57 -16.30
C GLU B 267 -20.76 -30.73 -14.87
N SER B 268 -20.41 -31.82 -14.19
CA SER B 268 -20.81 -31.99 -12.79
CA SER B 268 -20.77 -32.02 -12.78
C SER B 268 -20.30 -30.84 -11.89
N LEU B 269 -19.07 -30.37 -12.13
CA LEU B 269 -18.48 -29.33 -11.26
C LEU B 269 -19.34 -28.08 -11.38
N VAL B 270 -19.70 -27.76 -12.61
CA VAL B 270 -20.46 -26.55 -12.93
C VAL B 270 -21.86 -26.61 -12.33
N GLU B 271 -22.46 -27.81 -12.34
CA GLU B 271 -23.76 -27.99 -11.72
C GLU B 271 -23.72 -27.70 -10.21
N LYS B 272 -22.59 -27.98 -9.54
CA LYS B 272 -22.45 -27.69 -8.12
C LYS B 272 -22.35 -26.17 -7.92
N VAL B 273 -21.45 -25.55 -8.68
CA VAL B 273 -21.34 -24.09 -8.77
C VAL B 273 -22.72 -23.45 -8.93
N LYS B 274 -23.46 -23.86 -9.97
CA LYS B 274 -24.77 -23.25 -10.20
C LYS B 274 -25.73 -23.51 -9.04
N GLU B 275 -25.63 -24.69 -8.44
CA GLU B 275 -26.36 -25.03 -7.22
C GLU B 275 -25.89 -24.12 -6.08
N PHE B 276 -24.58 -23.97 -5.94
CA PHE B 276 -24.03 -23.10 -4.90
C PHE B 276 -24.49 -21.64 -5.03
N LEU B 277 -24.34 -21.08 -6.23
CA LEU B 277 -24.77 -19.74 -6.57
C LEU B 277 -26.24 -19.45 -6.16
N SER B 278 -27.11 -20.44 -6.40
CA SER B 278 -28.55 -20.31 -6.14
C SER B 278 -28.91 -20.25 -4.66
N THR B 279 -27.90 -20.23 -3.80
CA THR B 279 -28.11 -20.12 -2.35
C THR B 279 -27.47 -18.85 -1.76
N LEU B 280 -27.02 -17.93 -2.61
CA LEU B 280 -26.28 -16.74 -2.16
C LEU B 280 -27.07 -15.42 -2.15
N1 UDP C . 14.63 25.94 16.57
C2 UDP C . 14.85 27.15 17.31
N3 UDP C . 14.19 28.27 16.99
C4 UDP C . 13.31 28.27 15.98
C5 UDP C . 13.08 27.09 15.23
C6 UDP C . 13.76 25.93 15.54
O2 UDP C . 15.65 27.19 18.26
O4 UDP C . 12.72 29.33 15.71
C1' UDP C . 15.36 24.73 16.97
C2' UDP C . 14.46 23.74 17.70
O2' UDP C . 14.33 23.93 19.12
C3' UDP C . 15.13 22.42 17.41
C4' UDP C . 15.73 22.61 16.02
O4' UDP C . 15.84 24.02 15.82
O3' UDP C . 16.19 22.20 18.34
C5' UDP C . 14.79 22.05 14.97
O5' UDP C . 13.45 22.52 15.17
PA UDP C . 12.22 21.54 14.79
O1A UDP C . 12.19 20.23 15.53
O2A UDP C . 10.98 22.38 14.94
O3A UDP C . 12.60 21.26 13.24
PB UDP C . 11.74 20.34 12.23
O1B UDP C . 10.46 20.09 12.97
O2B UDP C . 12.53 19.05 12.05
O3B UDP C . 11.64 21.16 10.95
FAN 1NO D . 20.36 9.33 0.21
CAM 1NO D . 20.60 8.10 0.83
CAL 1NO D . 19.83 8.07 2.16
OAK 1NO D . 20.80 8.07 3.18
CAV 1NO D . 20.29 7.85 4.40
CAU 1NO D . 19.05 8.32 4.81
CAW 1NO D . 21.11 7.16 5.28
OAX 1NO D . 22.33 6.75 4.82
CAY 1NO D . 23.29 6.51 5.84
CBB 1NO D . 20.69 6.89 6.58
CBA 1NO D . 19.45 7.35 7.00
CAT 1NO D . 18.62 8.03 6.11
CAS 1NO D . 17.41 8.51 6.55
NAR 1NO D . 16.63 9.40 5.94
SAZ 1NO D . 16.72 8.16 8.04
CAP 1NO D . 15.41 9.16 7.83
CAO 1NO D . 14.26 9.36 8.83
CAQ 1NO D . 15.52 9.78 6.58
CAJ 1NO D . 14.52 10.75 5.95
SAI 1NO D . 13.49 9.76 4.76
C2 1NO D . 11.88 10.34 5.08
N1 1NO D . 11.62 11.21 6.07
N3 1NO D . 10.90 9.91 4.28
C4 1NO D . 9.63 10.30 4.48
NAF 1NO D . 8.67 9.84 3.67
C5 1NO D . 9.33 11.19 5.49
C6 1NO D . 10.37 11.64 6.29
NAA 1NO D . 10.11 12.47 7.25
FAN 1NO E . 26.58 9.55 9.58
CAM 1NO E . 25.96 8.46 8.98
CAL 1NO E . 24.49 8.79 8.66
OAK 1NO E . 24.51 9.31 7.29
CAV 1NO E . 23.36 9.85 6.84
CAU 1NO E . 22.28 10.06 7.68
CAW 1NO E . 23.27 10.20 5.49
OAX 1NO E . 24.35 9.97 4.68
CAY 1NO E . 24.35 10.60 3.36
CBB 1NO E . 22.09 10.75 5.00
CBA 1NO E . 21.00 10.97 5.85
CAT 1NO E . 21.10 10.61 7.19
CAS 1NO E . 20.06 10.81 8.10
NAR 1NO E . 20.04 10.44 9.38
SAZ 1NO E . 18.64 11.67 7.75
CAP 1NO E . 18.02 11.52 9.30
CAO 1NO E . 16.67 12.07 9.77
CAQ 1NO E . 18.94 10.78 10.08
CAJ 1NO E . 18.77 10.40 11.56
SAI 1NO E . 17.82 8.83 11.75
C2 1NO E . 17.11 9.08 13.34
N1 1NO E . 16.79 10.33 13.76
N3 1NO E . 16.89 8.00 14.11
C4 1NO E . 16.33 8.13 15.31
NAF 1NO E . 16.15 7.02 16.03
C5 1NO E . 15.99 9.40 15.80
C6 1NO E . 16.23 10.51 14.97
NAA 1NO E . 15.94 11.75 15.36
N1 UDP F . -4.85 -29.34 -15.59
C2 UDP F . -5.07 -30.74 -15.61
N3 UDP F . -6.15 -31.30 -15.06
C4 UDP F . -7.07 -30.55 -14.44
C5 UDP F . -6.88 -29.15 -14.39
C6 UDP F . -5.76 -28.55 -14.97
O2 UDP F . -4.24 -31.48 -16.18
O4 UDP F . -8.07 -31.10 -13.92
C1' UDP F . -3.63 -28.83 -16.24
C2' UDP F . -3.79 -27.54 -17.06
O2' UDP F . -3.80 -27.80 -18.47
C3' UDP F . -2.60 -26.66 -16.67
C4' UDP F . -2.04 -27.31 -15.41
O4' UDP F . -2.61 -28.61 -15.26
O3' UDP F . -1.57 -26.60 -17.70
C5' UDP F . -2.35 -26.56 -14.12
O5' UDP F . -3.71 -26.11 -14.09
PA UDP F . -3.97 -24.54 -13.89
O1A UDP F . -5.45 -24.28 -14.15
O2A UDP F . -3.03 -23.78 -14.77
O3A UDP F . -3.65 -24.38 -12.31
PB UDP F . -3.79 -23.08 -11.34
O1B UDP F . -4.58 -23.59 -10.15
O2B UDP F . -2.36 -22.75 -11.05
O3B UDP F . -4.45 -21.97 -12.12
FAN 1NO G . 10.68 -20.78 1.18
CAM 1NO G . 10.82 -19.41 1.14
CAL 1NO G . 10.28 -18.92 -0.21
OAK 1NO G . 11.05 -19.70 -1.18
CAV 1NO G . 10.72 -19.36 -2.45
CAU 1NO G . 9.45 -18.92 -2.83
CAW 1NO G . 11.74 -19.52 -3.37
OAX 1NO G . 12.94 -19.97 -2.89
CAY 1NO G . 13.95 -20.19 -3.93
CBB 1NO G . 11.51 -19.21 -4.72
CBA 1NO G . 10.25 -18.75 -5.11
CAT 1NO G . 9.21 -18.60 -4.18
CAS 1NO G . 7.98 -18.16 -4.64
NAR 1NO G . 6.79 -18.21 -4.03
SAZ 1NO G . 7.72 -17.56 -6.21
CAP 1NO G . 6.08 -17.34 -6.04
CAO 1NO G . 5.13 -16.78 -7.11
CAQ 1NO G . 5.73 -17.78 -4.75
CAJ 1NO G . 4.30 -17.72 -4.21
SAI 1NO G . 4.01 -16.00 -3.59
C2 1NO G . 2.42 -15.55 -4.19
N1 1NO G . 1.87 -16.16 -5.25
N3 1NO G . 1.77 -14.54 -3.55
C4 1NO G . 0.56 -14.13 -3.94
NAF 1NO G . -0.07 -13.12 -3.27
C5 1NO G . -0.04 -14.77 -5.02
C6 1NO G . 0.64 -15.80 -5.66
NAA 1NO G . 0.08 -16.39 -6.72
FAN 1NO H . 15.25 -24.38 -5.71
CAM 1NO H . 14.87 -23.05 -5.94
CAL 1NO H . 13.36 -22.98 -6.26
OAK 1NO H . 12.71 -23.65 -5.18
CAV 1NO H . 11.50 -23.14 -4.76
CAU 1NO H . 10.58 -22.65 -5.67
CAW 1NO H . 11.20 -23.12 -3.39
OAX 1NO H . 12.11 -23.61 -2.51
CAY 1NO H . 11.99 -23.07 -1.17
CBB 1NO H . 9.96 -22.62 -2.95
CBA 1NO H . 9.05 -22.12 -3.87
CAT 1NO H . 9.37 -22.14 -5.24
CAS 1NO H . 8.50 -21.65 -6.21
NAR 1NO H . 8.79 -21.35 -7.48
SAZ 1NO H . 6.88 -21.30 -5.97
CAP 1NO H . 6.58 -20.80 -7.52
CAO 1NO H . 5.19 -20.33 -8.03
CAQ 1NO H . 7.77 -20.89 -8.25
CAJ 1NO H . 7.93 -20.50 -9.71
SAI 1NO H . 8.05 -18.68 -9.81
C2 1NO H . 7.78 -18.25 -11.49
N1 1NO H . 6.88 -18.87 -12.28
N3 1NO H . 8.49 -17.22 -11.96
C4 1NO H . 8.37 -16.78 -13.21
NAF 1NO H . 9.13 -15.75 -13.58
C5 1NO H . 7.45 -17.42 -14.06
C6 1NO H . 6.70 -18.48 -13.55
NAA 1NO H . 5.82 -19.13 -14.31
#